data_2XU5
#
_entry.id   2XU5
#
_cell.length_a   36.943
_cell.length_b   59.107
_cell.length_c   89.790
_cell.angle_alpha   90.00
_cell.angle_beta   90.00
_cell.angle_gamma   90.00
#
_symmetry.space_group_name_H-M   'P 21 21 21'
#
loop_
_entity.id
_entity.type
_entity.pdbx_description
1 polymer 'CATHEPSIN L1'
2 non-polymer (2S,4R)-4-(2-chlorophenyl)sulfonyl-N-[1-(iminomethyl)cyclopropyl]-1-[1-(4-methylphenyl)cyclopropyl]carbonyl-pyrrolidine-2-carboxamide
3 non-polymer GLYCEROL
4 non-polymer 'CITRATE ANION'
5 water water
#
_entity_poly.entity_id   1
_entity_poly.type   'polypeptide(L)'
_entity_poly.pdbx_seq_one_letter_code
;APRSVDWREKGYVTPVKNQGQCGSCWAFSATGALEGQMFRKTGRLISLSEQNLVDCSGPQGNEGCNGGLMDYAFQYVQDN
GGLDSEESYPYEATEESCKYNPKYSVANDTGFVDIPKQEKALMKAVATVGPISVAIDAGHESFLFYKEGIYFEPDCSSED
MDHGVLVVGYGFESTESDNNKYWLVKNSWGEEWGMGGYVKMAKDRRNHCGIASAASYPTV
;
_entity_poly.pdbx_strand_id   A
#
# COMPACT_ATOMS: atom_id res chain seq x y z
N ALA A 1 21.10 8.59 1.42
CA ALA A 1 20.37 7.30 1.56
C ALA A 1 21.02 6.18 0.73
N PRO A 2 20.78 4.90 1.09
CA PRO A 2 21.27 3.82 0.24
C PRO A 2 20.78 3.99 -1.19
N ARG A 3 21.57 3.52 -2.15
CA ARG A 3 21.19 3.64 -3.56
C ARG A 3 20.02 2.71 -3.95
N SER A 4 19.80 1.67 -3.15
CA SER A 4 18.68 0.75 -3.39
C SER A 4 18.21 0.10 -2.11
N VAL A 5 16.91 -0.19 -2.06
CA VAL A 5 16.23 -0.76 -0.91
C VAL A 5 15.21 -1.75 -1.49
N ASP A 6 15.07 -2.91 -0.88
CA ASP A 6 14.00 -3.85 -1.25
C ASP A 6 13.55 -4.64 -0.01
N TRP A 7 12.45 -4.21 0.60
CA TRP A 7 11.87 -4.92 1.76
C TRP A 7 11.36 -6.33 1.52
N ARG A 8 11.11 -6.69 0.25
N ARG A 8 11.12 -6.69 0.26
CA ARG A 8 10.68 -8.05 -0.09
CA ARG A 8 10.68 -8.05 -0.07
C ARG A 8 11.72 -9.06 0.38
C ARG A 8 11.71 -9.07 0.37
N GLU A 9 12.99 -8.71 0.18
CA GLU A 9 14.16 -9.55 0.57
C GLU A 9 14.26 -9.83 2.05
N LYS A 10 13.79 -8.89 2.87
CA LYS A 10 13.93 -8.96 4.33
C LYS A 10 12.71 -9.61 5.00
N GLY A 11 11.73 -10.01 4.20
CA GLY A 11 10.54 -10.75 4.67
C GLY A 11 9.38 -9.91 5.19
N TYR A 12 9.29 -8.67 4.73
CA TYR A 12 8.30 -7.69 5.23
C TYR A 12 7.00 -7.75 4.42
N VAL A 13 7.04 -8.50 3.34
CA VAL A 13 6.00 -8.40 2.30
C VAL A 13 5.31 -9.71 1.93
N THR A 14 4.00 -9.73 2.07
CA THR A 14 3.19 -10.88 1.75
C THR A 14 3.11 -10.93 0.23
N PRO A 15 2.77 -12.10 -0.31
CA PRO A 15 2.51 -12.27 -1.74
C PRO A 15 1.45 -11.30 -2.28
N VAL A 16 1.44 -11.13 -3.60
CA VAL A 16 0.50 -10.21 -4.26
C VAL A 16 -0.95 -10.73 -4.19
N LYS A 17 -1.83 -9.82 -3.79
CA LYS A 17 -3.24 -10.08 -3.61
C LYS A 17 -4.00 -9.45 -4.77
N ASN A 18 -5.30 -9.73 -4.84
CA ASN A 18 -6.14 -9.30 -5.95
C ASN A 18 -7.46 -8.73 -5.41
N GLN A 19 -7.65 -7.42 -5.58
CA GLN A 19 -8.79 -6.75 -4.97
C GLN A 19 -10.09 -7.11 -5.70
N GLY A 20 -9.94 -7.66 -6.90
CA GLY A 20 -11.08 -8.06 -7.72
C GLY A 20 -11.89 -6.87 -8.20
N GLN A 21 -13.20 -7.05 -8.27
CA GLN A 21 -14.09 -6.07 -8.88
C GLN A 21 -14.74 -5.18 -7.82
N CYS A 22 -13.91 -4.76 -6.86
CA CYS A 22 -14.33 -3.94 -5.74
C CYS A 22 -13.24 -2.90 -5.54
N GLY A 23 -13.64 -1.66 -5.31
CA GLY A 23 -12.69 -0.55 -5.20
C GLY A 23 -12.12 -0.37 -3.81
N SER A 24 -11.29 -1.34 -3.39
CA SER A 24 -10.77 -1.52 -2.04
C SER A 24 -9.23 -1.47 -2.09
N CYS A 25 -8.67 -0.80 -3.09
CA CYS A 25 -7.21 -0.70 -3.23
C CYS A 25 -6.63 -0.12 -1.98
N TRP A 26 -7.36 0.83 -1.40
CA TRP A 26 -6.94 1.48 -0.13
C TRP A 26 -6.80 0.46 1.00
N ALA A 27 -7.65 -0.59 1.01
CA ALA A 27 -7.55 -1.58 2.09
C ALA A 27 -6.30 -2.46 1.93
N PHE A 28 -5.94 -2.78 0.69
CA PHE A 28 -4.73 -3.55 0.42
C PHE A 28 -3.44 -2.75 0.75
N SER A 29 -3.44 -1.46 0.43
CA SER A 29 -2.26 -0.64 0.74
C SER A 29 -2.08 -0.59 2.27
N ALA A 30 -3.19 -0.45 3.01
CA ALA A 30 -3.11 -0.34 4.47
C ALA A 30 -2.66 -1.66 5.13
N THR A 31 -3.24 -2.78 4.72
CA THR A 31 -2.80 -4.06 5.24
C THR A 31 -1.33 -4.28 4.89
N GLY A 32 -0.98 -3.97 3.65
CA GLY A 32 0.41 -4.05 3.21
C GLY A 32 1.35 -3.28 4.12
N ALA A 33 1.02 -2.03 4.42
CA ALA A 33 1.79 -1.21 5.34
C ALA A 33 1.83 -1.77 6.76
N LEU A 34 0.69 -2.22 7.28
CA LEU A 34 0.64 -2.80 8.64
C LEU A 34 1.41 -4.13 8.74
N GLU A 35 1.22 -5.00 7.75
CA GLU A 35 2.00 -6.25 7.62
C GLU A 35 3.50 -5.98 7.79
N GLY A 36 4.01 -4.97 7.09
CA GLY A 36 5.39 -4.55 7.23
C GLY A 36 5.79 -4.15 8.65
N GLN A 37 5.00 -3.29 9.26
CA GLN A 37 5.32 -2.72 10.57
C GLN A 37 5.18 -3.77 11.69
N MET A 38 4.15 -4.61 11.57
CA MET A 38 3.95 -5.74 12.47
C MET A 38 5.12 -6.70 12.36
N PHE A 39 5.63 -6.92 11.15
CA PHE A 39 6.73 -7.86 10.97
C PHE A 39 7.98 -7.24 11.58
N ARG A 40 8.16 -5.93 11.36
CA ARG A 40 9.26 -5.19 11.95
C ARG A 40 9.23 -5.32 13.47
N LYS A 41 8.03 -5.48 14.02
CA LYS A 41 7.85 -5.55 15.48
C LYS A 41 7.96 -6.99 16.01
N THR A 42 7.36 -7.95 15.33
CA THR A 42 7.18 -9.32 15.84
C THR A 42 8.00 -10.43 15.18
N GLY A 43 8.50 -10.18 13.97
CA GLY A 43 9.28 -11.17 13.21
C GLY A 43 8.38 -12.19 12.55
N ARG A 44 7.10 -12.05 12.80
CA ARG A 44 6.10 -12.91 12.20
C ARG A 44 5.47 -12.08 11.09
N LEU A 45 5.49 -12.61 9.87
CA LEU A 45 4.74 -12.04 8.78
C LEU A 45 3.37 -12.71 8.68
N ILE A 46 2.34 -11.94 9.02
CA ILE A 46 0.97 -12.47 9.00
C ILE A 46 0.07 -11.62 8.10
N SER A 47 -0.51 -12.24 7.08
CA SER A 47 -1.45 -11.60 6.14
C SER A 47 -2.66 -11.07 6.91
N LEU A 48 -3.25 -9.98 6.40
CA LEU A 48 -4.31 -9.24 7.11
C LEU A 48 -5.61 -9.10 6.33
N SER A 49 -6.72 -8.90 7.07
CA SER A 49 -8.02 -8.88 6.47
C SER A 49 -8.33 -7.51 5.90
N GLU A 50 -8.27 -7.40 4.57
CA GLU A 50 -8.84 -6.26 3.85
C GLU A 50 -10.37 -6.23 4.00
N GLN A 51 -10.99 -7.40 4.12
CA GLN A 51 -12.43 -7.43 4.33
C GLN A 51 -12.84 -6.78 5.66
N ASN A 52 -12.02 -6.97 6.70
CA ASN A 52 -12.24 -6.35 7.98
C ASN A 52 -12.20 -4.82 7.84
N LEU A 53 -11.24 -4.33 7.06
CA LEU A 53 -11.18 -2.91 6.75
C LEU A 53 -12.41 -2.40 5.94
N VAL A 54 -12.79 -3.14 4.90
CA VAL A 54 -13.85 -2.77 3.96
C VAL A 54 -15.23 -2.70 4.64
N ASP A 55 -15.51 -3.73 5.43
CA ASP A 55 -16.75 -3.85 6.18
C ASP A 55 -16.86 -2.93 7.39
N CYS A 56 -15.73 -2.59 8.01
CA CYS A 56 -15.78 -1.99 9.36
C CYS A 56 -15.30 -0.54 9.54
N SER A 57 -14.64 0.04 8.52
CA SER A 57 -14.07 1.39 8.63
C SER A 57 -14.94 2.52 7.98
N GLY A 58 -16.23 2.26 7.80
CA GLY A 58 -17.19 3.32 7.43
C GLY A 58 -17.20 4.50 8.40
N PRO A 59 -17.29 4.24 9.73
CA PRO A 59 -17.22 5.31 10.75
C PRO A 59 -16.03 6.24 10.62
N GLN A 60 -14.88 5.70 10.23
CA GLN A 60 -13.65 6.48 10.09
C GLN A 60 -13.55 7.31 8.80
N GLY A 61 -14.48 7.10 7.84
CA GLY A 61 -14.45 7.85 6.60
C GLY A 61 -14.36 7.07 5.30
N ASN A 62 -14.14 5.75 5.40
CA ASN A 62 -14.04 4.90 4.22
C ASN A 62 -15.37 4.52 3.61
N GLU A 63 -15.35 4.22 2.31
CA GLU A 63 -16.56 3.96 1.55
C GLU A 63 -16.58 2.57 0.89
N GLY A 64 -16.03 1.58 1.60
CA GLY A 64 -16.07 0.17 1.17
C GLY A 64 -15.47 -0.02 -0.21
N CYS A 65 -16.27 -0.60 -1.11
CA CYS A 65 -15.88 -0.87 -2.50
C CYS A 65 -15.92 0.35 -3.42
N ASN A 66 -16.25 1.51 -2.86
CA ASN A 66 -16.24 2.77 -3.60
C ASN A 66 -15.05 3.66 -3.24
N GLY A 67 -14.14 3.15 -2.41
CA GLY A 67 -12.90 3.88 -2.08
C GLY A 67 -12.73 4.25 -0.64
N GLY A 68 -11.55 4.77 -0.29
CA GLY A 68 -11.26 5.09 1.09
C GLY A 68 -9.84 5.56 1.18
N LEU A 69 -9.37 5.85 2.41
CA LEU A 69 -8.00 6.30 2.66
C LEU A 69 -7.25 5.30 3.51
N MET A 70 -5.99 5.08 3.16
CA MET A 70 -5.09 4.33 4.07
C MET A 70 -5.05 4.85 5.52
N ASP A 71 -4.87 6.16 5.76
CA ASP A 71 -4.94 6.74 7.11
C ASP A 71 -6.24 6.47 7.85
N TYR A 72 -7.38 6.45 7.15
CA TYR A 72 -8.65 6.13 7.78
C TYR A 72 -8.67 4.68 8.21
N ALA A 73 -8.01 3.82 7.42
CA ALA A 73 -7.91 2.42 7.81
C ALA A 73 -7.00 2.28 9.04
N PHE A 74 -5.87 3.01 9.05
CA PHE A 74 -4.95 3.03 10.21
C PHE A 74 -5.62 3.60 11.46
N GLN A 75 -6.47 4.60 11.29
CA GLN A 75 -7.23 5.15 12.42
C GLN A 75 -8.24 4.13 12.92
N TYR A 76 -8.90 3.39 12.01
CA TYR A 76 -9.85 2.36 12.39
C TYR A 76 -9.17 1.33 13.29
N VAL A 77 -8.00 0.88 12.87
CA VAL A 77 -7.25 -0.11 13.63
C VAL A 77 -6.95 0.40 15.04
N GLN A 78 -6.51 1.66 15.15
CA GLN A 78 -6.29 2.26 16.46
C GLN A 78 -7.59 2.39 17.25
N ASP A 79 -8.66 2.86 16.61
CA ASP A 79 -9.96 2.97 17.30
C ASP A 79 -10.43 1.60 17.79
N ASN A 80 -10.27 0.59 16.94
CA ASN A 80 -10.90 -0.71 17.10
C ASN A 80 -10.19 -1.67 18.05
N GLY A 81 -8.97 -1.31 18.45
CA GLY A 81 -8.18 -2.19 19.28
C GLY A 81 -7.48 -3.31 18.54
N GLY A 82 -7.70 -3.41 17.22
CA GLY A 82 -6.99 -4.38 16.39
C GLY A 82 -7.53 -4.69 15.01
N LEU A 83 -6.89 -5.63 14.34
CA LEU A 83 -7.34 -6.12 13.04
C LEU A 83 -7.17 -7.63 12.97
N ASP A 84 -8.18 -8.29 12.39
CA ASP A 84 -8.20 -9.73 12.17
C ASP A 84 -7.17 -10.14 11.12
N SER A 85 -6.62 -11.33 11.28
CA SER A 85 -5.79 -11.95 10.24
C SER A 85 -6.64 -12.22 9.02
N GLU A 86 -6.02 -12.31 7.84
CA GLU A 86 -6.66 -12.69 6.59
C GLU A 86 -7.28 -14.09 6.64
N GLU A 87 -6.65 -14.98 7.40
CA GLU A 87 -7.11 -16.36 7.54
C GLU A 87 -8.53 -16.37 8.10
N SER A 88 -8.73 -15.69 9.23
CA SER A 88 -10.01 -15.64 9.93
C SER A 88 -11.11 -14.83 9.25
N TYR A 89 -10.72 -13.74 8.59
CA TYR A 89 -11.71 -12.85 7.98
C TYR A 89 -11.42 -12.68 6.48
N PRO A 90 -11.79 -13.70 5.67
CA PRO A 90 -11.42 -13.83 4.25
C PRO A 90 -12.04 -12.78 3.32
N TYR A 91 -11.36 -12.51 2.20
CA TYR A 91 -11.73 -11.44 1.29
C TYR A 91 -12.81 -11.85 0.27
N GLU A 92 -13.85 -11.04 0.15
CA GLU A 92 -15.02 -11.38 -0.66
C GLU A 92 -15.28 -10.46 -1.87
N ALA A 93 -14.57 -9.32 -1.94
CA ALA A 93 -14.72 -8.36 -3.04
C ALA A 93 -16.15 -7.80 -3.14
N THR A 94 -16.74 -7.64 -1.96
CA THR A 94 -18.08 -7.07 -1.82
C THR A 94 -18.19 -6.44 -0.44
N GLU A 95 -19.00 -5.38 -0.33
CA GLU A 95 -19.25 -4.80 0.99
C GLU A 95 -20.39 -5.57 1.66
N GLU A 96 -20.09 -6.08 2.84
CA GLU A 96 -21.04 -6.82 3.65
C GLU A 96 -21.00 -6.17 5.03
N SER A 97 -21.78 -6.66 5.97
CA SER A 97 -21.75 -6.11 7.32
C SER A 97 -20.52 -6.55 8.08
N CYS A 98 -20.11 -5.72 9.04
CA CYS A 98 -18.93 -5.94 9.86
C CYS A 98 -18.98 -7.23 10.67
N LYS A 99 -17.80 -7.84 10.87
CA LYS A 99 -17.67 -9.11 11.60
C LYS A 99 -16.39 -9.24 12.46
N TYR A 100 -15.83 -8.11 12.94
CA TYR A 100 -14.57 -8.16 13.74
C TYR A 100 -14.69 -9.05 14.97
N ASN A 101 -13.84 -10.05 15.04
CA ASN A 101 -13.73 -10.89 16.21
C ASN A 101 -12.44 -10.57 16.96
N PRO A 102 -12.55 -9.92 18.13
CA PRO A 102 -11.39 -9.49 18.91
C PRO A 102 -10.36 -10.60 19.21
N LYS A 103 -10.84 -11.84 19.23
CA LYS A 103 -10.01 -13.01 19.53
C LYS A 103 -9.11 -13.36 18.34
N TYR A 104 -9.68 -13.23 17.14
CA TYR A 104 -9.00 -13.48 15.86
C TYR A 104 -8.09 -12.33 15.37
N SER A 105 -7.82 -11.35 16.23
CA SER A 105 -6.99 -10.20 15.86
C SER A 105 -5.49 -10.47 16.02
N VAL A 106 -4.71 -10.09 15.01
CA VAL A 106 -3.26 -10.29 15.03
C VAL A 106 -2.41 -9.02 14.89
N ALA A 107 -3.06 -7.86 14.80
CA ALA A 107 -2.35 -6.61 14.60
C ALA A 107 -3.00 -5.47 15.39
N ASN A 108 -2.22 -4.42 15.63
CA ASN A 108 -2.72 -3.16 16.18
C ASN A 108 -1.81 -2.01 15.75
N ASP A 109 -2.29 -0.78 15.91
CA ASP A 109 -1.41 0.38 15.76
C ASP A 109 -1.69 1.50 16.77
N THR A 110 -0.68 2.31 17.03
CA THR A 110 -0.82 3.46 17.92
C THR A 110 -1.04 4.76 17.12
N GLY A 111 -1.45 4.64 15.86
CA GLY A 111 -1.69 5.80 14.99
C GLY A 111 -0.97 5.67 13.66
N PHE A 112 -0.71 6.78 13.01
CA PHE A 112 -0.01 6.79 11.70
C PHE A 112 0.83 8.05 11.52
N VAL A 113 1.80 8.00 10.62
CA VAL A 113 2.62 9.16 10.31
C VAL A 113 2.42 9.59 8.87
N ASP A 114 2.18 10.88 8.66
CA ASP A 114 2.08 11.42 7.31
C ASP A 114 3.44 11.95 6.90
N ILE A 115 4.00 11.39 5.83
CA ILE A 115 5.33 11.79 5.38
C ILE A 115 5.27 13.14 4.62
N PRO A 116 6.22 14.05 4.89
CA PRO A 116 6.33 15.28 4.11
C PRO A 116 6.31 15.05 2.59
N LYS A 117 5.70 16.00 1.88
CA LYS A 117 5.28 15.80 0.50
C LYS A 117 6.39 15.99 -0.54
N GLN A 118 7.52 15.29 -0.32
CA GLN A 118 8.64 15.29 -1.27
C GLN A 118 9.21 13.89 -1.43
N GLU A 119 9.80 13.62 -2.60
CA GLU A 119 10.44 12.34 -2.89
C GLU A 119 11.63 12.07 -1.96
N LYS A 120 12.38 13.11 -1.58
CA LYS A 120 13.44 12.97 -0.59
C LYS A 120 12.94 12.40 0.74
N ALA A 121 11.87 12.97 1.28
CA ALA A 121 11.22 12.49 2.50
C ALA A 121 10.65 11.07 2.32
N LEU A 122 10.05 10.80 1.16
CA LEU A 122 9.65 9.40 0.87
C LEU A 122 10.85 8.44 0.91
N MET A 123 11.92 8.77 0.21
CA MET A 123 13.11 7.91 0.23
C MET A 123 13.63 7.66 1.66
N LYS A 124 13.65 8.72 2.47
CA LYS A 124 14.10 8.61 3.87
C LYS A 124 13.24 7.58 4.60
N ALA A 125 11.91 7.69 4.43
CA ALA A 125 10.95 6.80 5.06
C ALA A 125 11.06 5.35 4.57
N VAL A 126 11.15 5.16 3.24
CA VAL A 126 11.23 3.81 2.64
C VAL A 126 12.51 3.13 3.13
N ALA A 127 13.62 3.87 3.16
CA ALA A 127 14.90 3.30 3.62
C ALA A 127 14.97 2.94 5.11
N THR A 128 14.22 3.65 5.95
CA THR A 128 14.32 3.49 7.40
C THR A 128 13.16 2.79 8.11
N VAL A 129 11.96 2.85 7.52
CA VAL A 129 10.75 2.32 8.14
C VAL A 129 10.32 0.92 7.63
N GLY A 130 10.35 0.75 6.32
CA GLY A 130 9.77 -0.43 5.71
C GLY A 130 8.78 0.01 4.65
N PRO A 131 7.88 -0.91 4.24
CA PRO A 131 6.93 -0.55 3.19
C PRO A 131 6.00 0.63 3.55
N ILE A 132 5.71 1.50 2.58
CA ILE A 132 4.99 2.74 2.83
C ILE A 132 3.77 2.78 1.94
N SER A 133 2.62 3.09 2.54
CA SER A 133 1.39 3.34 1.77
C SER A 133 1.52 4.62 0.97
N VAL A 134 1.11 4.60 -0.30
CA VAL A 134 1.21 5.80 -1.13
C VAL A 134 0.00 5.91 -2.06
N ALA A 135 -0.35 7.14 -2.42
CA ALA A 135 -1.41 7.40 -3.45
C ALA A 135 -0.71 7.73 -4.76
N ILE A 136 -1.24 7.23 -5.88
CA ILE A 136 -0.69 7.55 -7.17
C ILE A 136 -1.84 7.85 -8.09
N ASP A 137 -1.54 8.64 -9.12
CA ASP A 137 -2.38 8.74 -10.30
C ASP A 137 -2.18 7.50 -11.21
N ALA A 138 -3.14 6.58 -11.12
CA ALA A 138 -3.10 5.31 -11.85
C ALA A 138 -4.19 5.37 -12.92
N GLY A 139 -4.71 6.57 -13.16
CA GLY A 139 -5.85 6.77 -14.04
C GLY A 139 -5.57 6.60 -15.53
N HIS A 140 -4.31 6.60 -15.92
CA HIS A 140 -3.95 6.50 -17.35
C HIS A 140 -3.89 5.07 -17.84
N GLU A 141 -4.33 4.87 -19.08
CA GLU A 141 -4.43 3.51 -19.62
C GLU A 141 -3.09 2.84 -19.79
N SER A 142 -2.03 3.64 -19.91
CA SER A 142 -0.65 3.12 -19.81
C SER A 142 -0.43 2.27 -18.55
N PHE A 143 -0.97 2.71 -17.41
CA PHE A 143 -0.86 1.96 -16.15
C PHE A 143 -1.59 0.63 -16.18
N LEU A 144 -2.77 0.61 -16.80
CA LEU A 144 -3.55 -0.61 -16.93
C LEU A 144 -2.82 -1.73 -17.64
N PHE A 145 -2.09 -1.37 -18.70
CA PHE A 145 -1.38 -2.35 -19.51
C PHE A 145 0.13 -2.42 -19.26
N TYR A 146 0.54 -1.93 -18.09
CA TYR A 146 1.95 -1.97 -17.71
C TYR A 146 2.44 -3.42 -17.58
N LYS A 147 3.62 -3.69 -18.14
CA LYS A 147 4.19 -5.04 -18.14
C LYS A 147 5.55 -5.07 -17.49
N GLU A 148 6.43 -4.16 -17.91
CA GLU A 148 7.83 -4.18 -17.50
C GLU A 148 8.53 -2.82 -17.60
N GLY A 149 9.66 -2.69 -16.92
CA GLY A 149 10.47 -1.50 -17.09
C GLY A 149 10.05 -0.39 -16.16
N ILE A 150 10.67 0.78 -16.30
CA ILE A 150 10.30 1.92 -15.47
C ILE A 150 9.09 2.64 -16.06
N TYR A 151 8.01 2.67 -15.28
CA TYR A 151 6.75 3.31 -15.71
C TYR A 151 6.87 4.82 -15.71
N PHE A 152 6.69 5.40 -16.90
CA PHE A 152 6.67 6.83 -17.04
C PHE A 152 5.54 7.26 -17.95
N GLU A 153 4.67 8.07 -17.39
CA GLU A 153 3.51 8.60 -18.09
C GLU A 153 3.60 10.12 -18.14
N PRO A 154 3.85 10.71 -19.33
CA PRO A 154 4.00 12.17 -19.41
C PRO A 154 2.77 12.95 -18.91
N ASP A 155 1.58 12.36 -19.05
CA ASP A 155 0.32 13.00 -18.64
C ASP A 155 -0.09 12.80 -17.17
N CYS A 156 0.79 12.17 -16.39
CA CYS A 156 0.46 11.87 -15.00
C CYS A 156 0.32 13.14 -14.15
N SER A 157 -0.56 13.10 -13.16
CA SER A 157 -0.76 14.20 -12.22
C SER A 157 0.02 14.00 -10.91
N SER A 158 0.61 15.08 -10.40
CA SER A 158 1.26 15.03 -9.10
C SER A 158 0.30 15.32 -7.95
N GLU A 159 -0.92 15.71 -8.29
CA GLU A 159 -1.90 16.20 -7.31
C GLU A 159 -3.25 15.45 -7.35
N ASP A 160 -3.49 14.72 -8.44
CA ASP A 160 -4.76 14.05 -8.63
C ASP A 160 -4.53 12.53 -8.59
N MET A 161 -4.61 11.95 -7.40
CA MET A 161 -4.31 10.53 -7.20
C MET A 161 -5.60 9.76 -7.02
N ASP A 162 -5.61 8.54 -7.52
CA ASP A 162 -6.83 7.75 -7.43
C ASP A 162 -6.63 6.28 -7.07
N HIS A 163 -5.49 5.91 -6.50
CA HIS A 163 -5.17 4.50 -6.33
C HIS A 163 -4.16 4.43 -5.19
N GLY A 164 -4.51 3.60 -4.21
CA GLY A 164 -3.62 3.36 -3.08
C GLY A 164 -2.80 2.12 -3.34
N VAL A 165 -1.48 2.23 -3.12
CA VAL A 165 -0.55 1.13 -3.40
C VAL A 165 0.53 1.16 -2.33
N LEU A 166 1.56 0.33 -2.50
CA LEU A 166 2.57 0.16 -1.43
C LEU A 166 3.96 0.24 -1.99
N VAL A 167 4.76 1.20 -1.51
CA VAL A 167 6.18 1.26 -1.90
C VAL A 167 7.01 0.30 -1.01
N VAL A 168 7.66 -0.68 -1.63
CA VAL A 168 8.43 -1.73 -0.92
C VAL A 168 9.94 -1.49 -1.10
N GLY A 169 10.30 -0.43 -1.81
CA GLY A 169 11.71 -0.18 -2.08
C GLY A 169 11.89 0.74 -3.25
N TYR A 170 13.13 0.82 -3.72
CA TYR A 170 13.50 1.72 -4.81
C TYR A 170 14.87 1.32 -5.29
N GLY A 171 15.22 1.80 -6.48
CA GLY A 171 16.45 1.39 -7.12
C GLY A 171 16.74 2.13 -8.38
N PHE A 172 17.65 1.58 -9.17
CA PHE A 172 18.02 2.14 -10.46
C PHE A 172 18.33 1.01 -11.44
N GLU A 173 18.02 1.22 -12.72
CA GLU A 173 18.39 0.27 -13.77
C GLU A 173 19.73 0.66 -14.38
N ASP A 178 20.12 7.62 -18.57
CA ASP A 178 19.38 8.78 -18.08
C ASP A 178 17.94 8.39 -17.72
N ASN A 179 17.40 9.01 -16.67
CA ASN A 179 16.07 8.65 -16.11
C ASN A 179 16.00 7.17 -15.79
N ASN A 180 16.79 6.79 -14.80
CA ASN A 180 16.98 5.37 -14.54
C ASN A 180 16.55 4.93 -13.15
N LYS A 181 16.04 5.86 -12.34
CA LYS A 181 15.66 5.54 -10.97
C LYS A 181 14.19 5.20 -10.87
N TYR A 182 13.86 4.35 -9.91
CA TYR A 182 12.44 3.93 -9.76
C TYR A 182 12.08 3.61 -8.32
N TRP A 183 10.76 3.67 -8.05
CA TRP A 183 10.14 3.16 -6.85
C TRP A 183 9.63 1.78 -7.13
N LEU A 184 9.89 0.84 -6.24
CA LEU A 184 9.32 -0.51 -6.40
C LEU A 184 7.98 -0.57 -5.69
N VAL A 185 6.92 -0.75 -6.49
CA VAL A 185 5.58 -0.62 -5.96
C VAL A 185 4.80 -1.95 -6.06
N LYS A 186 4.25 -2.38 -4.95
CA LYS A 186 3.34 -3.54 -4.92
C LYS A 186 1.93 -3.05 -5.21
N ASN A 187 1.27 -3.63 -6.24
CA ASN A 187 -0.15 -3.33 -6.51
C ASN A 187 -1.05 -4.44 -5.93
N SER A 188 -2.38 -4.30 -6.09
CA SER A 188 -3.35 -5.29 -5.59
C SER A 188 -4.26 -5.75 -6.72
N TRP A 189 -3.67 -5.97 -7.88
CA TRP A 189 -4.39 -6.38 -9.08
C TRP A 189 -3.98 -7.79 -9.47
N GLY A 190 -3.51 -8.54 -8.49
CA GLY A 190 -3.00 -9.90 -8.64
C GLY A 190 -1.69 -10.02 -9.39
N GLU A 191 -1.13 -11.21 -9.38
CA GLU A 191 0.24 -11.40 -9.86
C GLU A 191 0.40 -11.40 -11.39
N GLU A 192 -0.70 -11.39 -12.14
CA GLU A 192 -0.60 -11.46 -13.59
C GLU A 192 -0.49 -10.08 -14.26
N TRP A 193 -0.79 -9.02 -13.51
CA TRP A 193 -0.52 -7.63 -13.92
C TRP A 193 0.93 -7.22 -13.60
N GLY A 194 1.52 -6.39 -14.48
CA GLY A 194 2.87 -5.87 -14.31
C GLY A 194 3.95 -6.90 -14.12
N MET A 195 4.88 -6.60 -13.22
N MET A 195 4.89 -6.60 -13.23
CA MET A 195 6.00 -7.50 -12.94
CA MET A 195 5.98 -7.50 -12.93
C MET A 195 5.63 -8.37 -11.76
C MET A 195 5.61 -8.37 -11.75
N GLY A 196 4.85 -9.43 -12.02
CA GLY A 196 4.33 -10.28 -10.94
C GLY A 196 3.53 -9.52 -9.87
N GLY A 197 2.83 -8.48 -10.29
CA GLY A 197 1.98 -7.76 -9.39
C GLY A 197 2.58 -6.42 -9.03
N TYR A 198 3.84 -6.21 -9.46
CA TYR A 198 4.61 -5.01 -9.11
C TYR A 198 4.80 -4.06 -10.30
N VAL A 199 5.11 -2.79 -10.02
CA VAL A 199 5.45 -1.79 -11.03
C VAL A 199 6.65 -0.99 -10.54
N LYS A 200 7.60 -0.74 -11.43
CA LYS A 200 8.66 0.21 -11.17
C LYS A 200 8.18 1.56 -11.66
N MET A 201 7.96 2.49 -10.73
N MET A 201 7.95 2.50 -10.74
CA MET A 201 7.47 3.82 -11.04
CA MET A 201 7.48 3.82 -11.17
C MET A 201 8.64 4.82 -11.07
C MET A 201 8.58 4.86 -11.05
N ALA A 202 8.67 5.68 -12.09
CA ALA A 202 9.74 6.70 -12.19
C ALA A 202 9.94 7.46 -10.89
N LYS A 203 11.21 7.52 -10.47
CA LYS A 203 11.62 8.17 -9.21
C LYS A 203 12.53 9.35 -9.52
N ASP A 204 12.32 10.43 -8.77
CA ASP A 204 13.09 11.70 -8.90
C ASP A 204 12.87 12.38 -10.25
N ARG A 205 11.65 12.24 -10.77
CA ARG A 205 11.21 12.90 -11.98
C ARG A 205 10.01 13.78 -11.61
N ARG A 206 10.27 14.71 -10.68
CA ARG A 206 9.28 15.70 -10.22
C ARG A 206 7.99 15.10 -9.65
N ASN A 207 8.18 14.20 -8.69
CA ASN A 207 7.07 13.56 -7.98
C ASN A 207 6.08 12.94 -8.97
N HIS A 208 6.59 12.10 -9.88
CA HIS A 208 5.80 11.46 -10.97
C HIS A 208 4.55 10.69 -10.49
N CYS A 209 3.38 11.03 -11.03
CA CYS A 209 2.10 10.43 -10.60
C CYS A 209 1.74 10.67 -9.11
N GLY A 210 2.46 11.56 -8.44
CA GLY A 210 2.06 11.99 -7.11
C GLY A 210 2.47 11.04 -6.01
N ILE A 211 3.48 10.22 -6.30
CA ILE A 211 3.86 9.16 -5.42
C ILE A 211 4.25 9.62 -4.03
N ALA A 212 4.79 10.84 -3.93
CA ALA A 212 5.11 11.42 -2.62
C ALA A 212 4.05 12.38 -2.03
N SER A 213 2.90 12.48 -2.66
CA SER A 213 1.91 13.48 -2.26
C SER A 213 1.04 13.08 -1.06
N ALA A 214 0.85 11.78 -0.86
CA ALA A 214 0.08 11.29 0.30
C ALA A 214 0.64 9.95 0.76
N ALA A 215 1.87 9.97 1.26
CA ALA A 215 2.52 8.76 1.69
C ALA A 215 2.42 8.72 3.20
N SER A 216 2.14 7.53 3.72
CA SER A 216 1.98 7.35 5.17
C SER A 216 2.33 5.94 5.63
N TYR A 217 2.47 5.76 6.94
CA TYR A 217 2.66 4.43 7.49
C TYR A 217 2.11 4.39 8.91
N PRO A 218 1.70 3.19 9.37
CA PRO A 218 1.20 3.04 10.73
C PRO A 218 2.37 2.94 11.75
N THR A 219 2.14 3.42 12.98
CA THR A 219 3.07 3.27 14.10
C THR A 219 2.58 2.10 14.94
N VAL A 220 3.48 1.20 15.31
CA VAL A 220 3.10 -0.03 16.01
C VAL A 220 3.86 -0.15 17.32
#